data_5I8W
#
_entry.id   5I8W
#
_cell.length_a   74.700
_cell.length_b   75.690
_cell.length_c   88.360
_cell.angle_alpha   90.00
_cell.angle_beta   90.00
_cell.angle_gamma   90.00
#
_symmetry.space_group_name_H-M   'I 2 2 2'
#
loop_
_entity.id
_entity.type
_entity.pdbx_description
1 polymer 'Enoyl-[acyl-carrier-protein] reductase [NADH]'
2 non-polymer NICOTINAMIDE-ADENINE-DINUCLEOTIDE
3 non-polymer 4-fluoro-5-hexyl-2-(2-methylphenoxy)phenol
4 water water
#
_entity_poly.entity_id   1
_entity_poly.type   'polypeptide(L)'
_entity_poly.pdbx_seq_one_letter_code
;MGFLDGKRILLTGLLSNRSIAYGIAKACKREGAELAFTYVGDRFKDRITEFAAEFGSELVFPCDVADDAQIDALFASLKT
HWDSLDGLVHSIGFAPREAIAGDFLDGLTRENFRIAHDISAYSFPALAKAALPMLSDDASLLTLSYLGAERAIPNYNTMG
LAKAALEASVRYLAVSLGAKGVRVNAISAGPIKTLAASGIKSFGKILDFVESNSPLKRNVTIEQVGNAGAFLLSDLASGV
TAEVMHVDSGFNAVVGGMAGLEEKLAAALEHHHHHH
;
_entity_poly.pdbx_strand_id   A
#
# COMPACT_ATOMS: atom_id res chain seq x y z
N GLY A 2 6.70 -2.68 22.42
CA GLY A 2 5.85 -1.86 21.58
C GLY A 2 4.57 -2.58 21.21
N PHE A 3 3.67 -1.90 20.51
CA PHE A 3 2.36 -2.49 20.23
C PHE A 3 2.31 -3.47 19.07
N LEU A 4 3.47 -3.79 18.48
CA LEU A 4 3.55 -4.82 17.47
C LEU A 4 4.54 -5.91 17.86
N ASP A 5 4.92 -5.96 19.14
CA ASP A 5 5.86 -6.97 19.61
C ASP A 5 5.42 -8.36 19.15
N GLY A 6 6.34 -9.10 18.54
CA GLY A 6 6.08 -10.47 18.15
C GLY A 6 5.41 -10.64 16.79
N LYS A 7 4.82 -9.58 16.28
CA LYS A 7 4.13 -9.62 15.01
C LYS A 7 5.11 -9.74 13.84
N ARG A 8 4.80 -10.62 12.90
CA ARG A 8 5.65 -10.82 11.74
C ARG A 8 4.95 -10.30 10.48
N ILE A 9 5.57 -9.32 9.83
CA ILE A 9 4.90 -8.52 8.82
C ILE A 9 5.71 -8.48 7.52
N LEU A 10 5.04 -8.76 6.41
CA LEU A 10 5.67 -8.74 5.09
C LEU A 10 5.29 -7.43 4.40
N LEU A 11 6.29 -6.68 3.94
CA LEU A 11 6.02 -5.42 3.27
C LEU A 11 6.41 -5.47 1.80
N THR A 12 5.48 -5.09 0.94
CA THR A 12 5.77 -4.90 -0.46
C THR A 12 6.01 -3.43 -0.70
N GLY A 13 6.63 -3.11 -1.83
CA GLY A 13 6.69 -1.73 -2.27
C GLY A 13 7.72 -0.82 -1.62
N LEU A 14 8.66 -1.35 -0.86
CA LEU A 14 9.69 -0.48 -0.29
C LEU A 14 10.76 -0.29 -1.35
N LEU A 15 10.65 0.81 -2.09
CA LEU A 15 11.55 1.09 -3.20
C LEU A 15 12.70 2.03 -2.82
N SER A 16 12.39 3.11 -2.13
CA SER A 16 13.40 4.05 -1.65
C SER A 16 13.03 4.52 -0.25
N ASN A 17 13.92 5.30 0.37
CA ASN A 17 13.67 5.81 1.73
C ASN A 17 12.61 6.90 1.77
N ARG A 18 11.97 7.15 0.64
CA ARG A 18 10.82 8.03 0.61
C ARG A 18 9.53 7.26 0.39
N SER A 19 9.64 5.98 0.07
CA SER A 19 8.49 5.11 -0.13
C SER A 19 7.57 5.13 1.10
N ILE A 20 6.26 5.08 0.88
CA ILE A 20 5.33 5.00 1.98
C ILE A 20 5.62 3.76 2.81
N ALA A 21 5.98 2.67 2.13
CA ALA A 21 6.31 1.42 2.78
C ALA A 21 7.51 1.58 3.72
N TYR A 22 8.40 2.51 3.42
CA TYR A 22 9.55 2.73 4.29
C TYR A 22 9.10 3.34 5.62
N GLY A 23 8.17 4.28 5.55
CA GLY A 23 7.62 4.89 6.75
C GLY A 23 6.88 3.83 7.56
N ILE A 24 6.14 2.98 6.87
CA ILE A 24 5.44 1.90 7.53
C ILE A 24 6.45 0.93 8.15
N ALA A 25 7.47 0.55 7.38
CA ALA A 25 8.52 -0.34 7.87
C ALA A 25 9.17 0.21 9.14
N LYS A 26 9.53 1.50 9.10
CA LYS A 26 10.19 2.13 10.22
C LYS A 26 9.31 2.14 11.46
N ALA A 27 8.03 2.46 11.29
CA ALA A 27 7.10 2.46 12.42
C ALA A 27 6.86 1.06 12.99
N CYS A 28 6.70 0.07 12.11
CA CYS A 28 6.50 -1.32 12.56
C CYS A 28 7.70 -1.84 13.34
N LYS A 29 8.90 -1.56 12.81
CA LYS A 29 10.13 -1.96 13.47
C LYS A 29 10.24 -1.33 14.86
N ARG A 30 9.90 -0.04 14.95
CA ARG A 30 9.95 0.66 16.23
C ARG A 30 9.04 0.02 17.27
N GLU A 31 7.88 -0.45 16.81
CA GLU A 31 6.87 -1.01 17.70
C GLU A 31 7.06 -2.51 17.94
N GLY A 32 8.14 -3.07 17.40
CA GLY A 32 8.56 -4.40 17.78
C GLY A 32 8.32 -5.52 16.80
N ALA A 33 7.83 -5.18 15.61
CA ALA A 33 7.57 -6.19 14.58
C ALA A 33 8.83 -6.78 13.97
N GLU A 34 8.71 -8.00 13.44
CA GLU A 34 9.77 -8.61 12.65
C GLU A 34 9.36 -8.44 11.20
N LEU A 35 10.27 -7.98 10.34
CA LEU A 35 9.88 -7.64 8.98
C LEU A 35 10.53 -8.54 7.92
N ALA A 36 9.82 -8.65 6.79
CA ALA A 36 10.34 -9.27 5.57
C ALA A 36 9.87 -8.38 4.42
N PHE A 37 10.55 -8.47 3.27
CA PHE A 37 10.33 -7.49 2.21
C PHE A 37 10.32 -8.14 0.83
N THR A 38 9.50 -7.60 -0.08
CA THR A 38 9.58 -8.02 -1.48
C THR A 38 10.25 -6.96 -2.35
N TYR A 39 10.67 -7.37 -3.54
CA TYR A 39 11.21 -6.45 -4.55
C TYR A 39 10.88 -6.96 -5.95
N VAL A 40 11.00 -6.08 -6.95
CA VAL A 40 10.77 -6.44 -8.35
C VAL A 40 11.99 -6.14 -9.19
N GLY A 41 12.53 -7.15 -9.85
CA GLY A 41 13.69 -6.94 -10.70
C GLY A 41 14.98 -7.17 -9.93
N ASP A 42 15.86 -7.99 -10.51
CA ASP A 42 17.09 -8.39 -9.83
C ASP A 42 17.97 -7.20 -9.45
N ARG A 43 17.80 -6.07 -10.14
CA ARG A 43 18.66 -4.92 -9.90
C ARG A 43 18.40 -4.21 -8.56
N PHE A 44 17.23 -4.46 -7.96
CA PHE A 44 16.92 -3.85 -6.66
C PHE A 44 17.24 -4.77 -5.49
N LYS A 45 17.80 -5.95 -5.78
CA LYS A 45 18.08 -6.93 -4.74
C LYS A 45 19.03 -6.40 -3.66
N ASP A 46 20.10 -5.73 -4.08
CA ASP A 46 21.04 -5.16 -3.11
C ASP A 46 20.40 -4.05 -2.29
N ARG A 47 19.64 -3.17 -2.93
CA ARG A 47 19.02 -2.06 -2.23
C ARG A 47 18.00 -2.50 -1.19
N ILE A 48 17.13 -3.44 -1.58
CA ILE A 48 16.14 -3.94 -0.64
C ILE A 48 16.82 -4.74 0.47
N THR A 49 17.91 -5.43 0.15
CA THR A 49 18.68 -6.17 1.16
C THR A 49 19.23 -5.23 2.24
N GLU A 50 19.63 -4.02 1.85
CA GLU A 50 20.16 -3.04 2.80
C GLU A 50 19.06 -2.50 3.69
N PHE A 51 17.92 -2.21 3.08
CA PHE A 51 16.77 -1.73 3.82
C PHE A 51 16.38 -2.76 4.86
N ALA A 52 16.32 -4.02 4.46
CA ALA A 52 15.91 -5.08 5.38
C ALA A 52 16.85 -5.16 6.57
N ALA A 53 18.16 -5.08 6.31
CA ALA A 53 19.15 -5.10 7.37
C ALA A 53 19.05 -3.89 8.30
N GLU A 54 18.64 -2.75 7.76
CA GLU A 54 18.38 -1.57 8.59
C GLU A 54 17.27 -1.88 9.59
N PHE A 55 16.34 -2.73 9.20
CA PHE A 55 15.25 -3.12 10.06
C PHE A 55 15.49 -4.49 10.67
N GLY A 56 16.77 -4.86 10.79
CA GLY A 56 17.15 -6.09 11.46
C GLY A 56 16.72 -7.36 10.74
N SER A 57 16.61 -7.28 9.41
CA SER A 57 16.09 -8.39 8.64
C SER A 57 16.96 -8.78 7.44
N GLU A 58 16.99 -10.07 7.12
CA GLU A 58 17.66 -10.56 5.92
C GLU A 58 16.66 -11.29 5.04
N LEU A 59 15.38 -11.10 5.34
CA LEU A 59 14.31 -11.78 4.62
C LEU A 59 13.83 -10.94 3.44
N VAL A 60 14.41 -11.18 2.26
CA VAL A 60 13.97 -10.49 1.04
C VAL A 60 13.62 -11.48 -0.07
N PHE A 61 12.52 -11.21 -0.78
CA PHE A 61 12.02 -12.15 -1.78
C PHE A 61 11.53 -11.41 -3.02
N PRO A 62 11.83 -11.95 -4.22
CA PRO A 62 11.33 -11.31 -5.44
C PRO A 62 9.85 -11.59 -5.64
N CYS A 63 9.10 -10.60 -6.11
CA CYS A 63 7.70 -10.82 -6.45
C CYS A 63 7.18 -9.76 -7.39
N ASP A 64 7.09 -10.13 -8.67
CA ASP A 64 6.38 -9.32 -9.66
C ASP A 64 4.94 -9.81 -9.61
N VAL A 65 4.03 -8.93 -9.20
CA VAL A 65 2.63 -9.34 -8.99
C VAL A 65 1.85 -9.57 -10.29
N ALA A 66 2.49 -9.32 -11.43
CA ALA A 66 1.92 -9.69 -12.73
C ALA A 66 1.98 -11.20 -12.96
N ASP A 67 2.75 -11.90 -12.13
CA ASP A 67 3.10 -13.30 -12.37
C ASP A 67 2.53 -14.21 -11.26
N ASP A 68 1.59 -15.08 -11.61
CA ASP A 68 1.01 -16.01 -10.64
C ASP A 68 2.07 -16.88 -9.94
N ALA A 69 3.04 -17.37 -10.73
CA ALA A 69 4.07 -18.27 -10.19
C ALA A 69 4.92 -17.58 -9.13
N GLN A 70 5.22 -16.29 -9.33
CA GLN A 70 6.01 -15.53 -8.37
C GLN A 70 5.24 -15.25 -7.09
N ILE A 71 3.93 -15.03 -7.21
CA ILE A 71 3.09 -14.84 -6.03
C ILE A 71 3.08 -16.12 -5.19
N ASP A 72 2.89 -17.26 -5.84
CA ASP A 72 2.89 -18.52 -5.13
C ASP A 72 4.26 -18.81 -4.51
N ALA A 73 5.31 -18.54 -5.26
CA ALA A 73 6.68 -18.80 -4.80
C ALA A 73 7.10 -17.90 -3.63
N LEU A 74 6.55 -16.68 -3.59
CA LEU A 74 6.82 -15.76 -2.49
C LEU A 74 6.44 -16.39 -1.16
N PHE A 75 5.25 -16.97 -1.09
CA PHE A 75 4.78 -17.47 0.20
C PHE A 75 5.38 -18.82 0.56
N ALA A 76 5.68 -19.62 -0.46
CA ALA A 76 6.45 -20.85 -0.25
C ALA A 76 7.80 -20.50 0.35
N SER A 77 8.45 -19.46 -0.18
CA SER A 77 9.76 -19.06 0.34
C SER A 77 9.65 -18.50 1.75
N LEU A 78 8.65 -17.66 1.98
CA LEU A 78 8.49 -17.03 3.28
C LEU A 78 8.22 -18.08 4.34
N LYS A 79 7.48 -19.11 3.95
CA LYS A 79 7.06 -20.15 4.87
C LYS A 79 8.25 -20.98 5.39
N THR A 80 9.35 -21.00 4.64
CA THR A 80 10.53 -21.72 5.12
C THR A 80 11.20 -20.99 6.28
N HIS A 81 10.77 -19.75 6.52
CA HIS A 81 11.30 -18.94 7.62
C HIS A 81 10.27 -18.73 8.72
N TRP A 82 9.04 -18.42 8.30
CA TRP A 82 7.96 -18.10 9.21
C TRP A 82 6.85 -19.13 9.04
N ASP A 83 6.45 -19.79 10.11
CA ASP A 83 5.36 -20.75 9.97
C ASP A 83 4.01 -20.03 9.92
N SER A 84 4.01 -18.74 10.29
CA SER A 84 2.80 -17.92 10.21
C SER A 84 3.10 -16.46 9.84
N LEU A 85 2.12 -15.79 9.25
CA LEU A 85 2.23 -14.39 8.85
C LEU A 85 1.17 -13.55 9.54
N ASP A 86 1.60 -12.47 10.22
CA ASP A 86 0.66 -11.65 10.98
C ASP A 86 0.24 -10.36 10.28
N GLY A 87 1.03 -9.93 9.30
CA GLY A 87 0.74 -8.68 8.63
C GLY A 87 1.19 -8.66 7.19
N LEU A 88 0.47 -7.93 6.34
CA LEU A 88 0.85 -7.80 4.95
C LEU A 88 0.59 -6.37 4.54
N VAL A 89 1.61 -5.70 4.02
CA VAL A 89 1.46 -4.34 3.53
C VAL A 89 1.56 -4.35 2.00
N HIS A 90 0.47 -3.97 1.35
CA HIS A 90 0.40 -3.87 -0.11
C HIS A 90 0.55 -2.42 -0.46
N SER A 91 1.69 -2.06 -1.03
CA SER A 91 2.05 -0.69 -1.26
C SER A 91 2.59 -0.65 -2.68
N ILE A 92 1.76 -1.13 -3.59
CA ILE A 92 2.13 -1.42 -4.97
C ILE A 92 1.13 -0.74 -5.87
N GLY A 93 1.60 -0.08 -6.92
CA GLY A 93 0.70 0.44 -7.92
C GLY A 93 1.43 0.72 -9.23
N PHE A 94 0.71 0.68 -10.34
CA PHE A 94 1.27 1.03 -11.65
C PHE A 94 0.16 1.27 -12.68
N ALA A 95 0.35 2.32 -13.48
CA ALA A 95 -0.38 2.50 -14.72
C ALA A 95 0.59 3.07 -15.74
N PRO A 96 0.40 2.71 -17.02
CA PRO A 96 1.22 3.30 -18.08
C PRO A 96 1.13 4.82 -18.05
N ARG A 97 2.23 5.49 -18.36
CA ARG A 97 2.31 6.95 -18.25
C ARG A 97 1.11 7.69 -18.86
N GLU A 98 0.72 7.32 -20.07
CA GLU A 98 -0.35 8.06 -20.73
C GLU A 98 -1.70 7.91 -20.03
N ALA A 99 -1.85 6.84 -19.24
CA ALA A 99 -3.13 6.57 -18.58
C ALA A 99 -3.31 7.38 -17.30
N ILE A 100 -2.26 8.11 -16.91
CA ILE A 100 -2.30 8.98 -15.73
C ILE A 100 -1.73 10.35 -16.07
N ALA A 101 -2.00 10.79 -17.29
CA ALA A 101 -1.62 12.13 -17.68
C ALA A 101 -2.70 12.69 -18.58
N GLY A 102 -2.97 13.99 -18.43
CA GLY A 102 -3.84 14.68 -19.36
C GLY A 102 -5.29 14.22 -19.30
N ASP A 103 -5.92 14.14 -20.46
CA ASP A 103 -7.33 13.80 -20.52
C ASP A 103 -7.57 12.31 -20.30
N PHE A 104 -8.59 11.99 -19.52
CA PHE A 104 -8.92 10.60 -19.18
C PHE A 104 -9.10 9.71 -20.42
N LEU A 105 -9.82 10.19 -21.43
CA LEU A 105 -10.09 9.35 -22.60
C LEU A 105 -8.90 9.21 -23.54
N ASP A 106 -8.08 10.26 -23.67
CA ASP A 106 -6.90 10.20 -24.51
C ASP A 106 -5.96 9.06 -24.09
N GLY A 107 -5.85 8.83 -22.78
CA GLY A 107 -4.96 7.80 -22.28
C GLY A 107 -5.62 6.46 -22.05
N LEU A 108 -6.90 6.36 -22.42
CA LEU A 108 -7.67 5.14 -22.21
C LEU A 108 -7.48 4.16 -23.36
N THR A 109 -6.97 2.96 -23.07
CA THR A 109 -6.98 1.85 -24.03
C THR A 109 -7.28 0.61 -23.21
N ARG A 110 -7.70 -0.46 -23.88
CA ARG A 110 -8.04 -1.68 -23.16
C ARG A 110 -6.83 -2.20 -22.39
N GLU A 111 -5.67 -2.16 -23.02
CA GLU A 111 -4.45 -2.67 -22.41
C GLU A 111 -4.00 -1.80 -21.22
N ASN A 112 -4.10 -0.49 -21.36
CA ASN A 112 -3.77 0.42 -20.26
C ASN A 112 -4.69 0.18 -19.07
N PHE A 113 -5.98 0.03 -19.35
CA PHE A 113 -6.96 -0.29 -18.33
C PHE A 113 -6.62 -1.62 -17.66
N ARG A 114 -6.34 -2.62 -18.48
CA ARG A 114 -6.07 -3.97 -17.97
C ARG A 114 -4.86 -3.95 -17.03
N ILE A 115 -3.78 -3.33 -17.48
CA ILE A 115 -2.53 -3.33 -16.70
C ILE A 115 -2.72 -2.59 -15.38
N ALA A 116 -3.34 -1.42 -15.44
CA ALA A 116 -3.57 -0.63 -14.23
C ALA A 116 -4.38 -1.40 -13.21
N HIS A 117 -5.44 -2.08 -13.64
CA HIS A 117 -6.27 -2.82 -12.70
C HIS A 117 -5.60 -4.11 -12.21
N ASP A 118 -4.85 -4.77 -13.09
CA ASP A 118 -4.13 -5.98 -12.76
C ASP A 118 -3.12 -5.74 -11.64
N ILE A 119 -2.29 -4.72 -11.82
CA ILE A 119 -1.20 -4.44 -10.90
C ILE A 119 -1.65 -3.69 -9.66
N SER A 120 -2.58 -2.75 -9.83
CA SER A 120 -2.93 -1.86 -8.71
C SER A 120 -4.10 -2.35 -7.87
N ALA A 121 -4.94 -3.22 -8.43
CA ALA A 121 -6.14 -3.67 -7.73
C ALA A 121 -6.12 -5.18 -7.50
N TYR A 122 -6.10 -5.96 -8.57
CA TYR A 122 -6.12 -7.42 -8.46
C TYR A 122 -5.04 -7.95 -7.52
N SER A 123 -3.86 -7.35 -7.57
CA SER A 123 -2.73 -7.92 -6.83
C SER A 123 -2.98 -7.96 -5.32
N PHE A 124 -3.81 -7.07 -4.79
CA PHE A 124 -4.05 -7.10 -3.34
C PHE A 124 -4.80 -8.37 -2.89
N PRO A 125 -6.02 -8.63 -3.42
CA PRO A 125 -6.63 -9.88 -3.01
C PRO A 125 -5.88 -11.12 -3.50
N ALA A 126 -5.11 -11.01 -4.58
CA ALA A 126 -4.31 -12.16 -5.04
C ALA A 126 -3.25 -12.53 -4.00
N LEU A 127 -2.58 -11.52 -3.45
CA LEU A 127 -1.59 -11.79 -2.40
C LEU A 127 -2.29 -12.34 -1.16
N ALA A 128 -3.46 -11.81 -0.84
CA ALA A 128 -4.21 -12.28 0.32
C ALA A 128 -4.56 -13.75 0.20
N LYS A 129 -5.02 -14.14 -1.00
CA LYS A 129 -5.40 -15.53 -1.22
C LYS A 129 -4.21 -16.45 -1.10
N ALA A 130 -3.08 -16.05 -1.68
CA ALA A 130 -1.88 -16.87 -1.62
C ALA A 130 -1.30 -16.97 -0.21
N ALA A 131 -1.47 -15.90 0.58
CA ALA A 131 -0.96 -15.89 1.94
C ALA A 131 -1.87 -16.65 2.90
N LEU A 132 -3.15 -16.80 2.54
CA LEU A 132 -4.16 -17.29 3.49
C LEU A 132 -3.79 -18.55 4.32
N PRO A 133 -3.24 -19.60 3.68
CA PRO A 133 -2.92 -20.80 4.46
C PRO A 133 -1.97 -20.55 5.63
N MET A 134 -1.14 -19.51 5.55
CA MET A 134 -0.21 -19.23 6.63
C MET A 134 -0.57 -18.00 7.46
N LEU A 135 -1.71 -17.37 7.20
CA LEU A 135 -2.10 -16.21 8.00
C LEU A 135 -2.51 -16.62 9.40
N SER A 136 -2.06 -15.87 10.40
CA SER A 136 -2.51 -16.11 11.76
C SER A 136 -3.95 -15.63 11.88
N ASP A 137 -4.67 -16.14 12.87
CA ASP A 137 -6.07 -15.77 13.04
C ASP A 137 -6.27 -14.27 13.27
N ASP A 138 -5.29 -13.62 13.88
CA ASP A 138 -5.39 -12.19 14.15
C ASP A 138 -4.60 -11.34 13.16
N ALA A 139 -4.31 -11.90 11.99
CA ALA A 139 -3.54 -11.19 10.97
C ALA A 139 -4.27 -9.92 10.50
N SER A 140 -3.51 -9.02 9.90
CA SER A 140 -4.03 -7.75 9.43
C SER A 140 -3.41 -7.41 8.10
N LEU A 141 -4.26 -7.12 7.11
CA LEU A 141 -3.80 -6.82 5.76
C LEU A 141 -4.09 -5.35 5.45
N LEU A 142 -3.10 -4.64 4.92
CA LEU A 142 -3.24 -3.19 4.70
C LEU A 142 -2.84 -2.84 3.27
N THR A 143 -3.65 -2.01 2.61
CA THR A 143 -3.28 -1.50 1.29
C THR A 143 -3.33 0.03 1.33
N LEU A 144 -2.82 0.66 0.28
CA LEU A 144 -2.73 2.12 0.20
C LEU A 144 -3.56 2.60 -0.97
N SER A 145 -4.39 3.60 -0.73
CA SER A 145 -5.24 4.15 -1.78
C SER A 145 -5.07 5.66 -1.81
N TYR A 146 -5.88 6.34 -2.61
CA TYR A 146 -5.79 7.79 -2.76
C TYR A 146 -7.18 8.33 -3.06
N LEU A 147 -7.43 9.58 -2.67
CA LEU A 147 -8.72 10.25 -2.81
C LEU A 147 -9.28 10.20 -4.25
N GLY A 148 -8.41 10.04 -5.23
CA GLY A 148 -8.85 9.89 -6.61
C GLY A 148 -9.78 8.71 -6.86
N ALA A 149 -9.83 7.78 -5.91
CA ALA A 149 -10.80 6.69 -5.97
C ALA A 149 -12.23 7.21 -5.73
N GLU A 150 -12.35 8.22 -4.89
CA GLU A 150 -13.64 8.70 -4.41
C GLU A 150 -14.19 9.86 -5.25
N ARG A 151 -13.28 10.72 -5.71
CA ARG A 151 -13.64 11.90 -6.47
C ARG A 151 -12.67 12.05 -7.62
N ALA A 152 -13.12 12.70 -8.70
CA ALA A 152 -12.25 12.85 -9.86
C ALA A 152 -11.19 13.94 -9.62
N ILE A 153 -9.92 13.55 -9.74
CA ILE A 153 -8.79 14.46 -9.54
C ILE A 153 -8.04 14.52 -10.87
N PRO A 154 -7.66 15.73 -11.32
CA PRO A 154 -6.99 15.83 -12.62
C PRO A 154 -5.75 14.93 -12.74
N ASN A 155 -5.58 14.33 -13.91
CA ASN A 155 -4.46 13.44 -14.22
C ASN A 155 -4.55 12.02 -13.63
N TYR A 156 -5.24 11.85 -12.50
CA TYR A 156 -5.23 10.53 -11.85
C TYR A 156 -5.90 9.47 -12.72
N ASN A 157 -6.98 9.87 -13.39
CA ASN A 157 -7.55 9.12 -14.51
C ASN A 157 -7.73 7.63 -14.28
N THR A 158 -7.07 6.80 -15.09
CA THR A 158 -7.27 5.35 -14.98
C THR A 158 -6.91 4.79 -13.60
N MET A 159 -5.96 5.43 -12.92
CA MET A 159 -5.61 4.97 -11.57
C MET A 159 -6.76 5.19 -10.58
N GLY A 160 -7.62 6.17 -10.86
CA GLY A 160 -8.79 6.43 -10.03
C GLY A 160 -9.74 5.25 -10.06
N LEU A 161 -9.92 4.70 -11.26
CA LEU A 161 -10.77 3.52 -11.45
C LEU A 161 -10.19 2.33 -10.70
N ALA A 162 -8.89 2.12 -10.83
CA ALA A 162 -8.23 0.98 -10.21
C ALA A 162 -8.25 1.07 -8.68
N LYS A 163 -8.04 2.27 -8.16
CA LYS A 163 -8.11 2.47 -6.71
C LYS A 163 -9.53 2.27 -6.18
N ALA A 164 -10.55 2.62 -6.97
CA ALA A 164 -11.93 2.37 -6.56
C ALA A 164 -12.19 0.88 -6.44
N ALA A 165 -11.70 0.11 -7.42
CA ALA A 165 -11.79 -1.34 -7.35
C ALA A 165 -10.99 -1.88 -6.15
N LEU A 166 -9.83 -1.26 -5.89
CA LEU A 166 -9.02 -1.68 -4.75
C LEU A 166 -9.75 -1.48 -3.43
N GLU A 167 -10.37 -0.32 -3.26
CA GLU A 167 -11.13 -0.04 -2.03
C GLU A 167 -12.30 -1.01 -1.87
N ALA A 168 -12.96 -1.36 -2.99
CA ALA A 168 -14.00 -2.38 -2.92
C ALA A 168 -13.41 -3.71 -2.49
N SER A 169 -12.21 -4.03 -2.98
CA SER A 169 -11.60 -5.31 -2.61
C SER A 169 -11.32 -5.36 -1.11
N VAL A 170 -11.08 -4.21 -0.48
CA VAL A 170 -10.87 -4.18 0.97
C VAL A 170 -12.13 -4.70 1.68
N ARG A 171 -13.29 -4.26 1.21
CA ARG A 171 -14.56 -4.67 1.79
C ARG A 171 -14.86 -6.14 1.55
N TYR A 172 -14.72 -6.60 0.31
CA TYR A 172 -14.96 -8.02 0.05
C TYR A 172 -13.94 -8.95 0.75
N LEU A 173 -12.68 -8.51 0.83
CA LEU A 173 -11.67 -9.29 1.57
C LEU A 173 -12.03 -9.35 3.04
N ALA A 174 -12.49 -8.22 3.59
CA ALA A 174 -12.83 -8.17 5.01
C ALA A 174 -13.89 -9.21 5.35
N VAL A 175 -14.87 -9.36 4.47
CA VAL A 175 -15.92 -10.37 4.65
C VAL A 175 -15.39 -11.80 4.50
N SER A 176 -14.60 -12.04 3.45
CA SER A 176 -14.05 -13.37 3.19
C SER A 176 -13.16 -13.87 4.33
N LEU A 177 -12.32 -12.98 4.84
CA LEU A 177 -11.30 -13.37 5.82
C LEU A 177 -11.73 -13.13 7.26
N GLY A 178 -12.82 -12.40 7.44
CA GLY A 178 -13.21 -11.94 8.77
C GLY A 178 -13.67 -12.99 9.77
N ALA A 179 -14.35 -14.02 9.31
CA ALA A 179 -14.83 -15.03 10.26
C ALA A 179 -13.64 -15.74 10.94
N LYS A 180 -12.54 -15.85 10.21
CA LYS A 180 -11.29 -16.40 10.76
C LYS A 180 -10.72 -15.45 11.81
N GLY A 181 -10.97 -14.16 11.63
CA GLY A 181 -10.50 -13.15 12.56
C GLY A 181 -9.57 -12.15 11.89
N VAL A 182 -9.28 -12.36 10.61
CA VAL A 182 -8.34 -11.50 9.88
C VAL A 182 -8.97 -10.17 9.50
N ARG A 183 -8.23 -9.07 9.65
CA ARG A 183 -8.73 -7.75 9.29
C ARG A 183 -8.08 -7.22 8.03
N VAL A 184 -8.82 -6.39 7.30
CA VAL A 184 -8.38 -5.86 6.02
C VAL A 184 -8.79 -4.40 5.95
N ASN A 185 -7.81 -3.52 5.74
CA ASN A 185 -8.06 -2.08 5.71
C ASN A 185 -7.22 -1.38 4.67
N ALA A 186 -7.58 -0.14 4.36
CA ALA A 186 -6.74 0.70 3.52
C ALA A 186 -6.45 2.01 4.22
N ILE A 187 -5.31 2.61 3.88
CA ILE A 187 -5.10 4.00 4.19
C ILE A 187 -5.18 4.79 2.89
N SER A 188 -6.03 5.82 2.87
CA SER A 188 -6.10 6.77 1.78
C SER A 188 -5.15 7.90 2.15
N ALA A 189 -3.93 7.83 1.62
CA ALA A 189 -2.88 8.77 1.99
C ALA A 189 -2.91 10.02 1.13
N GLY A 190 -2.56 11.15 1.73
CA GLY A 190 -2.42 12.39 1.00
C GLY A 190 -1.15 12.34 0.16
N PRO A 191 -0.96 13.34 -0.70
CA PRO A 191 0.24 13.33 -1.53
C PRO A 191 1.52 13.44 -0.72
N ILE A 192 2.49 12.62 -1.12
CA ILE A 192 3.82 12.59 -0.52
C ILE A 192 4.78 12.39 -1.68
N LYS A 193 5.83 13.20 -1.72
CA LYS A 193 6.83 13.15 -2.79
C LYS A 193 7.63 11.83 -2.80
N THR A 194 7.09 10.81 -3.46
CA THR A 194 7.80 9.53 -3.61
C THR A 194 8.26 9.35 -5.05
N LEU A 195 8.89 8.21 -5.33
CA LEU A 195 9.36 7.93 -6.69
C LEU A 195 8.17 7.82 -7.66
N ALA A 196 7.08 7.23 -7.18
CA ALA A 196 5.87 7.12 -7.99
C ALA A 196 5.30 8.49 -8.34
N ALA A 197 5.53 9.47 -7.47
CA ALA A 197 5.02 10.83 -7.67
C ALA A 197 5.75 11.56 -8.79
N SER A 198 6.95 11.09 -9.13
CA SER A 198 7.65 11.61 -10.29
C SER A 198 7.07 10.98 -11.57
N GLY A 199 5.74 10.91 -11.64
CA GLY A 199 5.04 10.53 -12.85
C GLY A 199 4.65 11.84 -13.51
N ILE A 200 3.45 12.31 -13.22
CA ILE A 200 3.08 13.68 -13.57
C ILE A 200 3.37 14.57 -12.37
N LYS A 201 4.07 15.68 -12.59
CA LYS A 201 4.06 16.75 -11.60
C LYS A 201 3.00 17.76 -11.95
N SER A 202 1.76 17.32 -11.81
CA SER A 202 0.67 18.18 -11.42
C SER A 202 0.77 18.00 -9.91
N PHE A 203 1.69 17.11 -9.54
CA PHE A 203 2.01 16.80 -8.16
C PHE A 203 2.43 18.01 -7.36
N GLY A 204 3.32 18.83 -7.92
CA GLY A 204 3.68 20.07 -7.26
C GLY A 204 2.44 20.90 -6.97
N LYS A 205 1.58 21.03 -7.97
CA LYS A 205 0.31 21.74 -7.82
C LYS A 205 -0.59 21.17 -6.74
N ILE A 206 -0.74 19.85 -6.72
CA ILE A 206 -1.59 19.17 -5.74
C ILE A 206 -1.00 19.35 -4.34
N LEU A 207 0.31 19.23 -4.26
CA LEU A 207 1.03 19.35 -2.99
C LEU A 207 0.79 20.75 -2.39
N ASP A 208 0.93 21.76 -3.23
CA ASP A 208 0.71 23.14 -2.82
C ASP A 208 -0.74 23.35 -2.38
N PHE A 209 -1.67 22.75 -3.13
CA PHE A 209 -3.09 22.91 -2.86
C PHE A 209 -3.48 22.28 -1.53
N VAL A 210 -2.94 21.09 -1.25
CA VAL A 210 -3.24 20.43 0.01
C VAL A 210 -2.67 21.23 1.18
N GLU A 211 -1.45 21.72 1.04
CA GLU A 211 -0.84 22.53 2.10
C GLU A 211 -1.66 23.78 2.39
N SER A 212 -2.20 24.38 1.34
CA SER A 212 -2.97 25.62 1.48
C SER A 212 -4.40 25.42 1.98
N ASN A 213 -5.00 24.27 1.66
CA ASN A 213 -6.43 24.05 1.92
C ASN A 213 -6.81 22.96 2.92
N SER A 214 -5.89 22.07 3.25
CA SER A 214 -6.20 21.03 4.23
C SER A 214 -6.44 21.68 5.59
N PRO A 215 -7.29 21.05 6.42
CA PRO A 215 -7.53 21.58 7.77
C PRO A 215 -6.23 21.82 8.54
N LEU A 216 -5.27 20.89 8.50
CA LEU A 216 -4.01 21.08 9.23
C LEU A 216 -3.01 21.98 8.49
N LYS A 217 -3.37 22.41 7.29
CA LYS A 217 -2.56 23.36 6.52
C LYS A 217 -1.13 22.87 6.33
N ARG A 218 -1.01 21.57 6.06
CA ARG A 218 0.29 20.94 5.87
C ARG A 218 0.08 19.61 5.17
N ASN A 219 1.08 19.20 4.40
CA ASN A 219 1.05 17.87 3.80
C ASN A 219 1.43 16.80 4.81
N VAL A 220 0.97 15.57 4.58
CA VAL A 220 1.34 14.45 5.45
C VAL A 220 2.74 13.95 5.15
N THR A 221 3.30 13.18 6.07
CA THR A 221 4.63 12.61 5.91
C THR A 221 4.54 11.08 5.92
N ILE A 222 5.58 10.41 5.47
CA ILE A 222 5.59 8.95 5.53
C ILE A 222 5.66 8.48 6.98
N GLU A 223 6.14 9.33 7.89
CA GLU A 223 6.11 8.99 9.31
C GLU A 223 4.66 8.94 9.80
N GLN A 224 3.86 9.92 9.41
CA GLN A 224 2.45 9.95 9.79
C GLN A 224 1.65 8.82 9.17
N VAL A 225 1.90 8.52 7.89
CA VAL A 225 1.23 7.40 7.25
C VAL A 225 1.74 6.09 7.85
N GLY A 226 3.03 6.05 8.15
CA GLY A 226 3.65 4.89 8.77
C GLY A 226 3.06 4.55 10.12
N ASN A 227 2.88 5.55 10.96
CA ASN A 227 2.29 5.33 12.26
C ASN A 227 0.82 4.87 12.19
N ALA A 228 0.06 5.44 11.27
CA ALA A 228 -1.33 5.02 11.08
C ALA A 228 -1.36 3.56 10.62
N GLY A 229 -0.41 3.23 9.75
CA GLY A 229 -0.26 1.88 9.21
C GLY A 229 0.07 0.88 10.31
N ALA A 230 1.08 1.20 11.13
CA ALA A 230 1.45 0.35 12.24
C ALA A 230 0.25 0.10 13.15
N PHE A 231 -0.54 1.14 13.39
CA PHE A 231 -1.73 1.03 14.22
C PHE A 231 -2.68 0.00 13.62
N LEU A 232 -3.03 0.17 12.35
CA LEU A 232 -3.96 -0.74 11.69
C LEU A 232 -3.49 -2.21 11.67
N LEU A 233 -2.18 -2.43 11.61
CA LEU A 233 -1.61 -3.78 11.56
C LEU A 233 -1.57 -4.43 12.94
N SER A 234 -1.83 -3.61 13.96
CA SER A 234 -1.68 -4.04 15.34
C SER A 234 -2.99 -4.44 16.01
N ASP A 235 -2.89 -5.09 17.16
CA ASP A 235 -4.08 -5.51 17.90
C ASP A 235 -4.82 -4.31 18.51
N LEU A 236 -4.18 -3.14 18.50
CA LEU A 236 -4.85 -1.91 18.94
C LEU A 236 -6.07 -1.66 18.06
N ALA A 237 -6.01 -2.17 16.84
CA ALA A 237 -7.06 -1.90 15.85
C ALA A 237 -7.94 -3.13 15.66
N SER A 238 -8.04 -3.99 16.67
CA SER A 238 -8.77 -5.24 16.51
C SER A 238 -10.26 -5.06 16.22
N GLY A 239 -10.80 -3.87 16.49
CA GLY A 239 -12.20 -3.57 16.18
C GLY A 239 -12.42 -2.99 14.79
N VAL A 240 -11.33 -2.80 14.04
CA VAL A 240 -11.37 -2.06 12.78
C VAL A 240 -11.06 -2.93 11.58
N THR A 241 -12.04 -3.06 10.69
CA THR A 241 -11.83 -3.80 9.46
C THR A 241 -12.76 -3.21 8.41
N ALA A 242 -12.45 -3.49 7.14
CA ALA A 242 -13.16 -2.96 5.98
C ALA A 242 -13.14 -1.43 5.94
N GLU A 243 -12.15 -0.83 6.58
CA GLU A 243 -12.12 0.62 6.67
C GLU A 243 -11.14 1.23 5.66
N VAL A 244 -11.50 2.37 5.10
CA VAL A 244 -10.54 3.19 4.35
C VAL A 244 -10.29 4.44 5.16
N MET A 245 -9.14 4.49 5.85
CA MET A 245 -8.80 5.57 6.76
C MET A 245 -8.05 6.64 6.02
N HIS A 246 -8.52 7.89 6.10
CA HIS A 246 -7.77 8.97 5.47
C HIS A 246 -6.63 9.43 6.37
N VAL A 247 -5.43 9.45 5.81
CA VAL A 247 -4.28 10.07 6.48
C VAL A 247 -3.77 11.11 5.51
N ASP A 248 -4.39 12.28 5.55
CA ASP A 248 -4.23 13.28 4.50
C ASP A 248 -4.39 14.71 5.04
N SER A 249 -4.14 14.88 6.33
CA SER A 249 -4.28 16.19 6.99
C SER A 249 -5.71 16.71 6.95
N GLY A 250 -6.66 15.81 6.69
CA GLY A 250 -8.07 16.15 6.65
C GLY A 250 -8.53 16.69 5.30
N PHE A 251 -7.65 16.62 4.30
CA PHE A 251 -7.96 17.25 3.01
C PHE A 251 -9.23 16.74 2.37
N ASN A 252 -9.47 15.44 2.48
CA ASN A 252 -10.66 14.82 1.89
C ASN A 252 -11.97 15.44 2.35
N ALA A 253 -11.95 16.02 3.56
CA ALA A 253 -13.17 16.49 4.22
C ALA A 253 -13.55 17.94 3.92
N VAL A 254 -12.77 18.61 3.06
CA VAL A 254 -13.08 20.00 2.74
C VAL A 254 -13.37 20.22 1.26
N VAL A 255 -13.98 21.36 0.97
CA VAL A 255 -13.98 21.91 -0.38
C VAL A 255 -13.01 23.08 -0.35
N GLY A 256 -11.85 22.91 -0.99
CA GLY A 256 -10.80 23.92 -0.86
C GLY A 256 -10.60 24.78 -2.09
N GLY A 257 -9.89 25.90 -1.91
CA GLY A 257 -9.38 26.69 -3.01
C GLY A 257 -10.20 27.87 -3.49
N MET A 258 -11.45 27.98 -3.04
CA MET A 258 -12.37 28.98 -3.57
C MET A 258 -11.98 30.42 -3.21
#